data_6F94
#
_entry.id   6F94
#
_cell.length_a   99.360
_cell.length_b   99.360
_cell.length_c   50.030
_cell.angle_alpha   90.000
_cell.angle_beta   90.000
_cell.angle_gamma   120.000
#
_symmetry.space_group_name_H-M   'P 32 2 1'
#
loop_
_entity.id
_entity.type
_entity.pdbx_description
1 polymer 'DNA gyrase subunit B'
2 non-polymer 6-(ethylcarbamoylamino)-~{N}-(3-methylphenyl)-4-[(3-methylphenyl)amino]pyridine-3-carboxamide
3 water water
#
_entity_poly.entity_id   1
_entity_poly.type   'polypeptide(L)'
_entity_poly.pdbx_seq_one_letter_code
;SMSNSYDSSSIKVLKGLDAVRKRPGMYIGDTDDGTGLHHMVFEVVDNAIDEALAGHCKEIIVTIHADNSVSVQDDGRGIP
TGIHPEEGVSAAEVIMTVLHAGGKFDDNSYKVSGGLHGVGVSVVNALSQKLELVIQREGKIHRQIYEHGVPQAPLAVTGE
TEKTGTMVRFWPSLETFTNVTEFEYEILAKRLRELSFLNSGVSIRLRDKRDGKEDHFHYEG
;
_entity_poly.pdbx_strand_id   A
#
loop_
_chem_comp.id
_chem_comp.type
_chem_comp.name
_chem_comp.formula
D0H non-polymer 6-(ethylcarbamoylamino)-~{N}-(3-methylphenyl)-4-[(3-methylphenyl)amino]pyridine-3-carboxamide 'C23 H25 N5 O2'
#
# COMPACT_ATOMS: atom_id res chain seq x y z
N GLY A 16 -6.70 -19.64 2.32
CA GLY A 16 -7.33 -18.42 1.73
C GLY A 16 -6.28 -17.54 1.07
N LEU A 17 -5.27 -17.18 1.86
CA LEU A 17 -4.08 -16.54 1.31
C LEU A 17 -3.28 -17.57 0.48
N ASP A 18 -3.43 -18.86 0.81
CA ASP A 18 -2.86 -19.97 0.01
C ASP A 18 -3.40 -20.02 -1.42
N ALA A 19 -4.70 -19.73 -1.57
CA ALA A 19 -5.37 -19.69 -2.88
C ALA A 19 -4.81 -18.59 -3.78
N VAL A 20 -4.50 -17.45 -3.19
CA VAL A 20 -3.99 -16.33 -3.96
C VAL A 20 -2.57 -16.62 -4.42
N ARG A 21 -1.76 -17.23 -3.56
CA ARG A 21 -0.39 -17.66 -3.94
C ARG A 21 -0.32 -18.77 -4.97
N LYS A 22 -1.25 -19.71 -4.92
CA LYS A 22 -1.33 -20.81 -5.91
C LYS A 22 -1.68 -20.32 -7.32
N ARG A 23 -2.58 -19.34 -7.44
CA ARG A 23 -2.96 -18.77 -8.73
C ARG A 23 -2.87 -17.23 -8.71
N PRO A 24 -1.66 -16.67 -8.58
CA PRO A 24 -1.49 -15.22 -8.49
C PRO A 24 -2.00 -14.44 -9.68
N GLY A 25 -1.78 -14.99 -10.87
CA GLY A 25 -2.22 -14.39 -12.11
C GLY A 25 -3.72 -14.10 -12.13
N MET A 26 -4.52 -14.97 -11.52
CA MET A 26 -5.96 -14.72 -11.45
C MET A 26 -6.26 -13.41 -10.74
N TYR A 27 -5.55 -13.16 -9.65
CA TYR A 27 -5.85 -12.02 -8.80
C TYR A 27 -5.20 -10.72 -9.29
N ILE A 28 -3.91 -10.74 -9.52
CA ILE A 28 -3.16 -9.49 -9.63
C ILE A 28 -2.86 -9.06 -11.08
N GLY A 29 -3.02 -9.97 -12.05
CA GLY A 29 -2.60 -9.75 -13.43
C GLY A 29 -1.37 -10.58 -13.72
N ASP A 30 -0.79 -10.42 -14.91
CA ASP A 30 0.36 -11.24 -15.32
C ASP A 30 1.61 -10.96 -14.46
N THR A 31 2.21 -12.04 -13.95
CA THR A 31 3.30 -12.02 -12.98
C THR A 31 4.71 -12.00 -13.57
N ASP A 32 4.77 -12.19 -14.88
CA ASP A 32 5.98 -12.40 -15.66
C ASP A 32 6.37 -11.22 -16.58
N ASP A 33 5.59 -10.15 -16.64
CA ASP A 33 5.90 -9.01 -17.54
C ASP A 33 5.77 -7.65 -16.85
N GLY A 34 5.71 -7.62 -15.53
CA GLY A 34 5.56 -6.38 -14.80
C GLY A 34 4.15 -5.95 -14.46
N THR A 35 3.14 -6.34 -15.24
CA THR A 35 1.76 -5.85 -15.11
C THR A 35 1.22 -6.02 -13.68
N GLY A 36 1.25 -7.26 -13.20
CA GLY A 36 0.76 -7.58 -11.88
C GLY A 36 1.58 -6.90 -10.81
N LEU A 37 2.89 -6.84 -11.00
CA LEU A 37 3.77 -6.17 -10.04
C LEU A 37 3.32 -4.72 -9.81
N HIS A 38 2.96 -4.00 -10.86
CA HIS A 38 2.49 -2.61 -10.69
C HIS A 38 1.07 -2.48 -10.23
N HIS A 39 0.23 -3.46 -10.58
CA HIS A 39 -1.13 -3.50 -10.08
C HIS A 39 -1.15 -3.51 -8.55
N MET A 40 -0.17 -4.19 -7.96
CA MET A 40 0.02 -4.29 -6.52
C MET A 40 0.13 -2.95 -5.81
N VAL A 41 0.79 -2.00 -6.46
CA VAL A 41 0.95 -0.65 -5.93
C VAL A 41 -0.38 0.08 -6.06
N PHE A 42 -0.95 0.00 -7.26
CA PHE A 42 -2.25 0.62 -7.55
C PHE A 42 -3.37 0.16 -6.62
N GLU A 43 -3.36 -1.11 -6.22
CA GLU A 43 -4.34 -1.59 -5.25
C GLU A 43 -4.20 -0.81 -3.96
N VAL A 44 -2.96 -0.67 -3.47
CA VAL A 44 -2.73 0.08 -2.25
C VAL A 44 -3.11 1.55 -2.43
N VAL A 45 -2.72 2.14 -3.54
CA VAL A 45 -3.06 3.53 -3.82
C VAL A 45 -4.58 3.74 -3.87
N ASP A 46 -5.33 2.82 -4.49
CA ASP A 46 -6.80 2.95 -4.58
C ASP A 46 -7.45 3.15 -3.21
N ASN A 47 -6.91 2.50 -2.18
CA ASN A 47 -7.41 2.66 -0.82
C ASN A 47 -7.17 4.07 -0.24
N ALA A 48 -6.00 4.63 -0.50
CA ALA A 48 -5.73 6.01 -0.12
C ALA A 48 -6.60 6.99 -0.91
N ILE A 49 -6.76 6.75 -2.22
CA ILE A 49 -7.66 7.56 -3.06
C ILE A 49 -9.09 7.56 -2.48
N ASP A 50 -9.56 6.41 -1.97
CA ASP A 50 -10.90 6.34 -1.37
C ASP A 50 -11.03 7.13 -0.07
N GLU A 51 -9.97 7.15 0.72
CA GLU A 51 -9.88 8.08 1.85
C GLU A 51 -9.92 9.57 1.39
N ALA A 52 -9.30 9.92 0.26
CA ALA A 52 -9.37 11.30 -0.28
C ALA A 52 -10.76 11.68 -0.82
N LEU A 53 -11.41 10.73 -1.50
CA LEU A 53 -12.80 10.89 -1.96
C LEU A 53 -13.80 11.00 -0.82
N ALA A 54 -13.52 10.37 0.31
CA ALA A 54 -14.36 10.51 1.51
C ALA A 54 -14.14 11.83 2.25
N GLY A 55 -13.21 12.67 1.76
CA GLY A 55 -12.97 14.00 2.31
C GLY A 55 -11.81 14.11 3.27
N HIS A 56 -11.11 13.00 3.55
CA HIS A 56 -10.22 12.93 4.70
C HIS A 56 -8.71 12.86 4.41
N CYS A 57 -8.31 12.78 3.13
CA CYS A 57 -6.90 12.67 2.75
C CYS A 57 -6.62 13.71 1.67
N LYS A 58 -5.59 14.54 1.89
CA LYS A 58 -5.20 15.57 0.91
C LYS A 58 -3.89 15.29 0.16
N GLU A 59 -3.07 14.35 0.62
CA GLU A 59 -1.77 14.07 0.01
C GLU A 59 -1.42 12.59 0.11
N ILE A 60 -1.06 11.99 -1.02
CA ILE A 60 -0.62 10.61 -1.06
C ILE A 60 0.82 10.69 -1.55
N ILE A 61 1.71 9.90 -0.94
CA ILE A 61 3.11 9.85 -1.30
C ILE A 61 3.52 8.41 -1.61
N VAL A 62 3.97 8.19 -2.85
CA VAL A 62 4.42 6.90 -3.30
C VAL A 62 5.93 7.00 -3.46
N THR A 63 6.63 6.10 -2.80
CA THR A 63 8.06 6.12 -2.77
C THR A 63 8.57 4.76 -3.24
N ILE A 64 9.40 4.78 -4.27
CA ILE A 64 10.13 3.59 -4.69
C ILE A 64 11.44 3.61 -3.93
N HIS A 65 11.60 2.65 -3.05
CA HIS A 65 12.82 2.53 -2.28
C HIS A 65 13.91 1.80 -3.05
N ALA A 66 15.10 1.85 -2.48
CA ALA A 66 16.30 1.21 -3.05
C ALA A 66 16.51 -0.25 -2.61
N ASP A 67 15.59 -0.80 -1.82
CA ASP A 67 15.62 -2.19 -1.34
C ASP A 67 14.49 -3.04 -1.96
N ASN A 68 14.06 -2.65 -3.15
CA ASN A 68 13.02 -3.37 -3.87
C ASN A 68 11.67 -3.36 -3.14
N SER A 69 11.35 -2.25 -2.49
CA SER A 69 10.03 -2.04 -1.90
C SER A 69 9.43 -0.73 -2.38
N VAL A 70 8.09 -0.70 -2.41
CA VAL A 70 7.32 0.55 -2.51
C VAL A 70 6.58 0.83 -1.20
N SER A 71 6.48 2.10 -0.85
CA SER A 71 5.62 2.53 0.24
C SER A 71 4.62 3.51 -0.33
N VAL A 72 3.40 3.43 0.21
CA VAL A 72 2.37 4.40 -0.05
C VAL A 72 2.01 4.97 1.30
N GLN A 73 2.01 6.30 1.40
CA GLN A 73 1.73 7.01 2.65
C GLN A 73 0.64 8.04 2.35
N ASP A 74 -0.48 7.97 3.06
CA ASP A 74 -1.50 8.99 2.99
C ASP A 74 -1.55 9.79 4.30
N ASP A 75 -2.25 10.91 4.25
CA ASP A 75 -2.45 11.76 5.44
C ASP A 75 -3.91 11.76 5.91
N GLY A 76 -4.61 10.66 5.72
CA GLY A 76 -6.00 10.56 6.14
C GLY A 76 -6.13 10.16 7.60
N ARG A 77 -7.30 9.61 7.93
CA ARG A 77 -7.64 9.30 9.31
C ARG A 77 -6.87 8.15 9.93
N GLY A 78 -6.23 7.33 9.12
CA GLY A 78 -5.57 6.12 9.62
C GLY A 78 -6.52 4.93 9.53
N ILE A 79 -6.02 3.81 9.01
CA ILE A 79 -6.73 2.54 9.09
C ILE A 79 -7.16 2.29 10.58
N PRO A 80 -8.38 1.78 10.80
CA PRO A 80 -8.84 1.49 12.17
C PRO A 80 -7.94 0.49 12.91
N THR A 81 -7.70 0.75 14.19
CA THR A 81 -6.78 -0.02 14.99
C THR A 81 -7.43 -0.77 16.16
N GLY A 82 -8.74 -0.68 16.30
CA GLY A 82 -9.38 -1.34 17.43
C GLY A 82 -9.31 -2.86 17.42
N ILE A 83 -9.36 -3.46 18.61
CA ILE A 83 -9.36 -4.90 18.77
C ILE A 83 -10.80 -5.41 18.97
N HIS A 84 -11.12 -6.53 18.38
CA HIS A 84 -12.33 -7.22 18.73
C HIS A 84 -12.01 -7.96 20.02
N PRO A 85 -12.73 -7.64 21.12
CA PRO A 85 -12.39 -8.23 22.42
C PRO A 85 -12.42 -9.74 22.47
N GLU A 86 -13.49 -10.36 21.95
CA GLU A 86 -13.58 -11.83 21.89
C GLU A 86 -12.58 -12.53 20.94
N GLU A 87 -12.23 -11.91 19.82
CA GLU A 87 -11.32 -12.53 18.84
C GLU A 87 -9.86 -12.18 19.08
N GLY A 88 -9.59 -11.00 19.63
CA GLY A 88 -8.22 -10.55 19.85
C GLY A 88 -7.45 -10.24 18.57
N VAL A 89 -8.18 -9.80 17.54
CA VAL A 89 -7.58 -9.44 16.27
C VAL A 89 -8.04 -8.01 15.92
N SER A 90 -7.10 -7.19 15.48
CA SER A 90 -7.37 -5.81 15.17
C SER A 90 -8.12 -5.70 13.86
N ALA A 91 -8.79 -4.57 13.67
CA ALA A 91 -9.45 -4.27 12.42
C ALA A 91 -8.44 -4.21 11.27
N ALA A 92 -7.27 -3.65 11.56
CA ALA A 92 -6.21 -3.54 10.59
C ALA A 92 -5.84 -4.92 10.04
N GLU A 93 -5.64 -5.88 10.94
CA GLU A 93 -5.33 -7.25 10.56
C GLU A 93 -6.43 -7.87 9.71
N VAL A 94 -7.69 -7.56 10.02
CA VAL A 94 -8.80 -8.07 9.23
C VAL A 94 -8.76 -7.51 7.81
N ILE A 95 -8.51 -6.21 7.71
CA ILE A 95 -8.39 -5.57 6.39
C ILE A 95 -7.27 -6.25 5.56
N MET A 96 -6.11 -6.43 6.19
CA MET A 96 -4.91 -6.95 5.55
C MET A 96 -4.87 -8.46 5.26
N THR A 97 -5.79 -9.25 5.83
CA THR A 97 -5.73 -10.72 5.74
C THR A 97 -6.92 -11.43 5.10
N VAL A 98 -8.05 -10.75 4.92
CA VAL A 98 -9.30 -11.39 4.44
C VAL A 98 -9.63 -10.99 3.01
N LEU A 99 -10.12 -11.93 2.19
CA LEU A 99 -10.59 -11.58 0.83
C LEU A 99 -12.00 -11.00 0.86
N GLY A 118 -10.61 -4.24 -8.62
CA GLY A 118 -10.44 -3.69 -7.26
C GLY A 118 -10.28 -4.79 -6.23
N VAL A 119 -9.27 -5.63 -6.47
CA VAL A 119 -9.10 -6.92 -5.77
C VAL A 119 -8.70 -6.87 -4.26
N GLY A 120 -8.37 -5.68 -3.74
CA GLY A 120 -8.14 -5.53 -2.31
C GLY A 120 -6.69 -5.74 -1.87
N VAL A 121 -6.33 -5.01 -0.82
CA VAL A 121 -4.97 -4.97 -0.31
C VAL A 121 -4.51 -6.29 0.35
N SER A 122 -5.46 -7.17 0.69
CA SER A 122 -5.14 -8.46 1.28
C SER A 122 -4.45 -9.37 0.26
N VAL A 123 -4.79 -9.17 -1.01
CA VAL A 123 -4.12 -9.84 -2.15
C VAL A 123 -2.66 -9.38 -2.23
N VAL A 124 -2.42 -8.09 -2.02
CA VAL A 124 -1.04 -7.55 -2.10
C VAL A 124 -0.14 -8.16 -1.00
N ASN A 125 -0.75 -8.30 0.17
CA ASN A 125 -0.10 -8.86 1.33
C ASN A 125 0.26 -10.32 1.06
N ALA A 126 -0.70 -11.07 0.52
CA ALA A 126 -0.50 -12.46 0.16
C ALA A 126 0.64 -12.69 -0.82
N LEU A 127 0.89 -11.75 -1.72
CA LEU A 127 1.95 -11.87 -2.74
C LEU A 127 3.18 -11.02 -2.45
N SER A 128 3.32 -10.58 -1.19
CA SER A 128 4.48 -9.83 -0.71
C SER A 128 5.28 -10.68 0.25
N GLN A 129 6.58 -10.86 -0.02
CA GLN A 129 7.44 -11.59 0.94
C GLN A 129 7.41 -10.91 2.30
N LYS A 130 7.24 -9.59 2.30
CA LYS A 130 7.09 -8.81 3.51
C LYS A 130 6.19 -7.61 3.28
N LEU A 131 5.39 -7.27 4.27
CA LEU A 131 4.58 -6.07 4.22
C LEU A 131 4.54 -5.42 5.60
N GLU A 132 4.68 -4.11 5.63
CA GLU A 132 4.72 -3.31 6.86
C GLU A 132 3.61 -2.30 6.77
N LEU A 133 2.74 -2.32 7.76
CA LEU A 133 1.67 -1.38 7.90
C LEU A 133 1.97 -0.51 9.09
N VAL A 134 1.94 0.82 8.89
CA VAL A 134 2.07 1.75 9.97
C VAL A 134 0.96 2.76 9.90
N ILE A 135 0.30 2.93 11.04
CA ILE A 135 -0.89 3.71 11.14
C ILE A 135 -0.70 4.70 12.24
N GLN A 136 -0.89 5.97 11.91
CA GLN A 136 -0.87 7.05 12.87
C GLN A 136 -2.31 7.48 13.10
N ARG A 137 -2.75 7.39 14.34
CA ARG A 137 -4.16 7.51 14.63
C ARG A 137 -4.38 7.77 16.13
N GLU A 138 -5.24 8.73 16.45
CA GLU A 138 -5.59 9.04 17.84
C GLU A 138 -4.34 9.24 18.72
N GLY A 139 -3.37 9.98 18.19
CA GLY A 139 -2.10 10.23 18.88
C GLY A 139 -1.05 9.13 18.97
N LYS A 140 -1.34 7.93 18.46
CA LYS A 140 -0.42 6.77 18.58
C LYS A 140 0.02 6.25 17.21
N ILE A 141 1.24 5.72 17.15
CA ILE A 141 1.73 5.00 15.98
C ILE A 141 1.51 3.51 16.25
N HIS A 142 0.92 2.81 15.28
CA HIS A 142 0.57 1.40 15.35
C HIS A 142 1.30 0.75 14.20
N ARG A 143 1.88 -0.43 14.44
CA ARG A 143 2.62 -1.13 13.41
C ARG A 143 2.37 -2.61 13.45
N GLN A 144 2.39 -3.21 12.27
CA GLN A 144 2.34 -4.66 12.15
C GLN A 144 3.08 -5.07 10.88
N ILE A 145 3.73 -6.23 10.97
CA ILE A 145 4.53 -6.82 9.88
C ILE A 145 3.90 -8.14 9.46
N TYR A 146 3.80 -8.37 8.17
CA TYR A 146 3.37 -9.64 7.63
C TYR A 146 4.46 -10.21 6.74
N GLU A 147 4.50 -11.54 6.66
CA GLU A 147 5.31 -12.24 5.68
C GLU A 147 4.42 -13.17 4.88
N HIS A 148 4.35 -12.97 3.57
CA HIS A 148 3.43 -13.67 2.70
C HIS A 148 1.99 -13.64 3.27
N GLY A 149 1.59 -12.50 3.81
CA GLY A 149 0.24 -12.34 4.37
C GLY A 149 0.00 -12.80 5.79
N VAL A 150 0.93 -13.56 6.37
CA VAL A 150 0.79 -14.10 7.71
C VAL A 150 1.37 -13.03 8.61
N PRO A 151 0.58 -12.55 9.59
CA PRO A 151 1.14 -11.62 10.55
C PRO A 151 2.16 -12.27 11.47
N GLN A 152 3.21 -11.51 11.78
CA GLN A 152 4.34 -11.98 12.58
C GLN A 152 4.17 -11.74 14.08
N ALA A 153 3.49 -10.67 14.44
CA ALA A 153 3.08 -10.40 15.80
C ALA A 153 1.81 -9.58 15.73
N PRO A 154 1.15 -9.37 16.89
CA PRO A 154 -0.04 -8.52 16.85
C PRO A 154 0.30 -7.06 16.58
N LEU A 155 -0.72 -6.30 16.16
CA LEU A 155 -0.61 -4.85 16.00
C LEU A 155 -0.16 -4.25 17.32
N ALA A 156 0.86 -3.39 17.25
CA ALA A 156 1.53 -2.91 18.45
C ALA A 156 1.72 -1.41 18.35
N VAL A 157 1.67 -0.72 19.49
CA VAL A 157 1.98 0.69 19.53
C VAL A 157 3.49 0.95 19.57
N THR A 158 3.98 1.80 18.67
CA THR A 158 5.41 2.02 18.50
C THR A 158 5.86 3.46 18.73
N GLY A 159 4.99 4.28 19.33
CA GLY A 159 5.29 5.67 19.60
C GLY A 159 4.09 6.58 19.54
N GLU A 160 4.34 7.87 19.61
CA GLU A 160 3.29 8.86 19.60
C GLU A 160 3.48 9.78 18.45
N THR A 161 2.41 10.46 18.09
CA THR A 161 2.40 11.28 16.89
C THR A 161 1.32 12.34 17.02
N GLU A 162 1.54 13.47 16.34
CA GLU A 162 0.59 14.57 16.24
C GLU A 162 -0.13 14.56 14.88
N LYS A 163 0.17 13.55 14.05
CA LYS A 163 -0.27 13.43 12.67
C LYS A 163 -1.16 12.21 12.55
N THR A 164 -1.98 12.17 11.51
CA THR A 164 -2.79 11.00 11.20
C THR A 164 -2.40 10.45 9.83
N GLY A 165 -2.62 9.15 9.63
CA GLY A 165 -2.49 8.56 8.30
C GLY A 165 -2.11 7.12 8.28
N THR A 166 -1.90 6.60 7.07
CA THR A 166 -1.62 5.21 6.86
C THR A 166 -0.49 5.09 5.86
N MET A 167 0.39 4.13 6.14
CA MET A 167 1.55 3.84 5.33
C MET A 167 1.63 2.32 5.15
N VAL A 168 1.73 1.87 3.92
CA VAL A 168 1.95 0.49 3.60
C VAL A 168 3.23 0.38 2.75
N ARG A 169 4.13 -0.48 3.17
CA ARG A 169 5.37 -0.70 2.47
C ARG A 169 5.45 -2.18 2.25
N PHE A 170 5.74 -2.59 1.02
CA PHE A 170 5.73 -4.01 0.72
C PHE A 170 6.84 -4.37 -0.22
N TRP A 171 7.36 -5.57 0.02
CA TRP A 171 8.43 -6.13 -0.73
C TRP A 171 7.76 -7.29 -1.48
N PRO A 172 7.68 -7.19 -2.82
CA PRO A 172 6.96 -8.21 -3.59
C PRO A 172 7.65 -9.59 -3.53
N SER A 173 6.86 -10.67 -3.58
CA SER A 173 7.44 -12.02 -3.49
C SER A 173 8.17 -12.38 -4.79
N LEU A 174 9.42 -12.83 -4.65
CA LEU A 174 10.22 -13.26 -5.79
C LEU A 174 9.97 -14.72 -6.17
N GLU A 175 9.20 -15.44 -5.35
CA GLU A 175 8.58 -16.70 -5.76
C GLU A 175 7.37 -16.52 -6.68
N THR A 176 6.81 -15.31 -6.76
CA THR A 176 5.63 -15.02 -7.61
C THR A 176 6.00 -14.31 -8.90
N PHE A 177 6.77 -13.23 -8.79
CA PHE A 177 7.06 -12.34 -9.89
C PHE A 177 8.39 -12.69 -10.51
N THR A 178 8.42 -12.79 -11.84
CA THR A 178 9.62 -13.11 -12.64
C THR A 178 9.85 -12.06 -13.71
N ASN A 179 11.09 -11.94 -14.19
CA ASN A 179 11.50 -11.05 -15.32
C ASN A 179 11.51 -9.56 -15.00
N VAL A 180 10.36 -9.04 -14.58
CA VAL A 180 10.26 -7.69 -14.03
C VAL A 180 9.91 -7.85 -12.55
N THR A 181 10.95 -7.72 -11.70
CA THR A 181 10.80 -7.83 -10.25
C THR A 181 11.13 -6.52 -9.58
N GLU A 182 11.33 -5.47 -10.37
CA GLU A 182 11.62 -4.15 -9.84
C GLU A 182 10.57 -3.17 -10.37
N PHE A 183 10.25 -2.17 -9.54
CA PHE A 183 9.34 -1.10 -9.95
C PHE A 183 9.96 -0.11 -10.95
N GLU A 184 9.13 0.38 -11.87
CA GLU A 184 9.50 1.16 -13.02
C GLU A 184 8.75 2.47 -12.87
N TYR A 185 9.50 3.57 -12.79
CA TYR A 185 8.98 4.89 -12.42
C TYR A 185 7.85 5.36 -13.35
N GLU A 186 7.99 5.08 -14.65
CA GLU A 186 7.08 5.61 -15.65
C GLU A 186 5.73 4.90 -15.62
N ILE A 187 5.72 3.62 -15.27
CA ILE A 187 4.45 2.94 -15.13
C ILE A 187 3.65 3.56 -13.99
N LEU A 188 4.31 3.85 -12.88
CA LEU A 188 3.63 4.46 -11.73
C LEU A 188 3.28 5.89 -12.01
N ALA A 189 4.22 6.63 -12.59
CA ALA A 189 4.06 8.05 -12.86
C ALA A 189 2.87 8.30 -13.74
N LYS A 190 2.81 7.61 -14.87
CA LYS A 190 1.67 7.66 -15.77
C LYS A 190 0.35 7.47 -15.00
N ARG A 191 0.28 6.41 -14.20
CA ARG A 191 -0.97 6.05 -13.53
C ARG A 191 -1.33 7.03 -12.42
N LEU A 192 -0.34 7.45 -11.65
CA LEU A 192 -0.59 8.37 -10.54
C LEU A 192 -1.01 9.75 -11.04
N ARG A 193 -0.48 10.18 -12.20
CA ARG A 193 -0.93 11.41 -12.87
C ARG A 193 -2.42 11.30 -13.22
N GLU A 194 -2.81 10.19 -13.84
CA GLU A 194 -4.21 9.94 -14.16
C GLU A 194 -5.11 10.04 -12.91
N LEU A 195 -4.69 9.38 -11.83
CA LEU A 195 -5.49 9.38 -10.60
C LEU A 195 -5.66 10.79 -10.05
N SER A 196 -4.59 11.57 -10.10
CA SER A 196 -4.63 12.95 -9.61
CA SER A 196 -4.60 12.95 -9.62
C SER A 196 -5.60 13.81 -10.39
N PHE A 197 -5.71 13.58 -11.70
CA PHE A 197 -6.65 14.36 -12.50
C PHE A 197 -8.08 13.81 -12.49
N LEU A 198 -8.21 12.51 -12.19
CA LEU A 198 -9.51 11.88 -11.96
C LEU A 198 -10.08 12.13 -10.56
N ASN A 199 -9.24 12.62 -9.64
CA ASN A 199 -9.65 12.91 -8.25
C ASN A 199 -9.13 14.31 -7.88
N SER A 200 -9.57 15.32 -8.61
CA SER A 200 -9.04 16.70 -8.53
C SER A 200 -9.10 17.21 -7.08
N GLY A 201 -8.05 17.93 -6.68
CA GLY A 201 -7.84 18.31 -5.27
C GLY A 201 -6.81 17.44 -4.54
N VAL A 202 -6.67 16.17 -4.90
CA VAL A 202 -5.69 15.29 -4.23
C VAL A 202 -4.29 15.62 -4.76
N SER A 203 -3.31 15.63 -3.87
CA SER A 203 -1.94 15.81 -4.24
C SER A 203 -1.33 14.41 -4.21
N ILE A 204 -0.67 14.02 -5.30
CA ILE A 204 0.04 12.74 -5.36
C ILE A 204 1.49 13.02 -5.71
N ARG A 205 2.40 12.53 -4.87
CA ARG A 205 3.84 12.71 -5.05
C ARG A 205 4.45 11.36 -5.28
N LEU A 206 5.25 11.25 -6.34
CA LEU A 206 6.05 10.07 -6.63
C LEU A 206 7.52 10.40 -6.42
N ARG A 207 8.21 9.50 -5.72
CA ARG A 207 9.61 9.66 -5.31
CA ARG A 207 9.62 9.65 -5.36
C ARG A 207 10.35 8.36 -5.65
N ASP A 208 11.51 8.48 -6.28
CA ASP A 208 12.35 7.33 -6.54
C ASP A 208 13.66 7.48 -5.75
N LYS A 209 13.85 6.66 -4.74
CA LYS A 209 15.11 6.65 -4.02
C LYS A 209 16.32 6.10 -4.75
N ARG A 210 16.14 5.43 -5.89
CA ARG A 210 17.28 4.84 -6.61
C ARG A 210 18.02 5.89 -7.40
N ASP A 211 17.33 6.99 -7.74
CA ASP A 211 17.97 8.12 -8.40
C ASP A 211 17.51 9.53 -8.01
N GLY A 212 16.76 9.69 -6.94
CA GLY A 212 16.32 11.03 -6.53
C GLY A 212 15.25 11.71 -7.38
N LYS A 213 14.68 11.00 -8.33
CA LYS A 213 13.65 11.54 -9.22
C LYS A 213 12.42 11.78 -8.37
N GLU A 214 11.75 12.91 -8.56
CA GLU A 214 10.55 13.24 -7.82
C GLU A 214 9.54 13.93 -8.73
N ASP A 215 8.27 13.57 -8.61
CA ASP A 215 7.19 14.25 -9.36
C ASP A 215 6.08 14.59 -8.40
N HIS A 216 5.33 15.63 -8.73
CA HIS A 216 4.18 16.05 -7.94
C HIS A 216 2.96 16.22 -8.85
N PHE A 217 1.96 15.34 -8.70
CA PHE A 217 0.73 15.38 -9.49
C PHE A 217 -0.49 15.94 -8.73
N HIS A 218 -0.98 17.10 -9.13
N HIS A 218 -1.01 17.09 -9.16
CA HIS A 218 -2.21 17.68 -8.57
CA HIS A 218 -2.16 17.76 -8.55
C HIS A 218 -2.85 18.64 -9.56
C HIS A 218 -2.84 18.61 -9.62
N TYR A 219 -4.17 18.55 -9.70
CA TYR A 219 -4.93 19.32 -10.70
C TYR A 219 -6.05 20.19 -10.08
N GLU A 220 -6.29 21.34 -10.69
CA GLU A 220 -7.42 22.20 -10.35
C GLU A 220 -8.17 22.61 -11.58
CBD D0H B . -12.82 -1.42 4.42
CAZ D0H B . -11.54 -0.88 4.34
CAY D0H B . -11.25 0.34 4.96
CBA D0H B . -10.53 -1.53 3.63
CBB D0H B . -9.25 -0.97 3.57
CBC D0H B . -8.97 0.24 4.20
CAX D0H B . -9.98 0.94 4.89
NAK D0H B . -9.87 2.11 5.59
CAJ D0H B . -8.98 3.13 5.44
CAI D0H B . -7.89 3.20 4.54
CAH D0H B . -7.04 4.32 4.48
NAL D0H B . -5.97 4.51 3.69
CAM D0H B . -5.19 3.50 3.21
OAO D0H B . -5.46 2.31 3.36
NAN D0H B . -4.11 3.90 2.50
CAP D0H B . -3.14 2.98 1.88
CAQ D0H B . -1.72 3.49 2.12
NAG D0H B . -7.25 5.34 5.31
CAF D0H B . -8.30 5.34 6.22
CAE D0H B . -9.18 4.24 6.33
CAC D0H B . -10.25 4.32 7.25
OAD D0H B . -11.32 3.81 6.95
NAB D0H B . -10.07 5.05 8.39
CAA D0H B . -11.09 5.20 9.24
CAV D0H B . -10.96 4.76 10.55
CAU D0H B . -12.04 4.93 11.43
CAW D0H B . -11.93 4.47 12.74
CAT D0H B . -13.22 5.55 11.01
CAS D0H B . -13.34 6.00 9.71
CAR D0H B . -12.27 5.82 8.83
#